data_4E8T
#
_entry.id   4E8T
#
_cell.length_a   88.458
_cell.length_b   95.765
_cell.length_c   225.688
_cell.angle_alpha   90.00
_cell.angle_beta   90.00
_cell.angle_gamma   90.00
#
_symmetry.space_group_name_H-M   'P 21 21 21'
#
loop_
_entity.id
_entity.type
_entity.pdbx_description
1 polymer 'Group IIC intron'
2 polymer "5'-R(*AP*UP*UP*UP*AP*UP*UP*A)-3'"
3 non-polymer 'CALCIUM ION'
4 non-polymer 'POTASSIUM ION'
5 non-polymer SPERMINE
6 non-polymer '4-(2-HYDROXYETHYL)-1-PIPERAZINE ETHANESULFONIC ACID'
7 water water
#
loop_
_entity_poly.entity_id
_entity_poly.type
_entity_poly.pdbx_seq_one_letter_code
_entity_poly.pdbx_strand_id
1 'polyribonucleotide'
;GGGGUGUGCCCGGCAUGGGUGCAGUCUAUAGGGUGAGAGUCCCGAACUGUGAAGGCAGAAGUAACAGUUAGCCUAACGCA
AGGGUGUCCGUGGCGACAUGGAAUCUGAAGGAAGCGGACGGCAAACCUUCGGUCUGAGGAACACGAACUUCAUAUGAGGC
UAGGUAUCAAUGGAUGAGUUUGCAUAACAAAACAAAGUCCUUUCUGCCAAAGUUGGUACAGAGUAAAUGAAGCAGAUUGA
UGAAGGGAAAGACUGCAUUCUUACCCGGGGAGGUCUGGAAACAGAAGUCAGCAGAAGUCAUAGUACCCUGUUCGCAGGGG
AAGGACGGAACAAGUAUGGCGUUCGCGCCUAAGCUUGAACCGCCGUAUACCGAACGGUACGUACGGUGGUGUG
;
A
2 'polyribonucleotide' AUUUAUUA B
#